data_6BQC
#
_entry.id   6BQC
#
_cell.length_a   75.425
_cell.length_b   102.981
_cell.length_c   157.031
_cell.angle_alpha   90.000
_cell.angle_beta   90.000
_cell.angle_gamma   90.000
#
_symmetry.space_group_name_H-M   'C 2 2 21'
#
loop_
_entity.id
_entity.type
_entity.pdbx_description
1 polymer 'Cyclopropane-fatty-acyl-phospholipid synthase'
2 non-polymer 'CARBONATE ION'
3 non-polymer '(1R)-2-{[(R)-(2-AMINOETHOXY)(HYDROXY)PHOSPHORYL]OXY}-1-[(DODECANOYLOXY)METHYL]ETHYL (9Z)-OCTADEC-9-ENOATE'
4 non-polymer GLYCEROL
5 water water
#
_entity_poly.entity_id   1
_entity_poly.type   'polypeptide(L)'
_entity_poly.pdbx_seq_one_letter_code
;NGSSSCIEEVSVPDDNWYRIANELLSRAGIAINGSAPADIRVKNPDFFKRVLQEGSLGLGESYMDGWWECDRLDMFFSKV
LRAGLENQLPHHFKDTLRIAGARLFNLQSKKRAWIVGKEHYDLGNDLFSRMLDPFMQYSCAYWKDADNLESAQQAKLKMI
CEKLQLKPGMRVLDIGCGWGGLAHYMASNYDVSVVGVTISAEQQKMAQERCEGLDVTILLQDYRDLNDQFDRIVSVGMFE
HVGPKNYDTYFAVVDRNLKPEGIFLLHTIGSKKTDLNVDPWINKYIFPNGCLPSVRQIAQSSEPHFVMEDWHNFGADYDT
TLMAWYERFLAAWPEIADNYSERFKRMFTYYLNACAGAFRARDIQLWQVVFSRGVENGLRVAR
;
_entity_poly.pdbx_strand_id   A
#
loop_
_chem_comp.id
_chem_comp.type
_chem_comp.name
_chem_comp.formula
CO3 non-polymer 'CARBONATE ION' 'C O3 -2'
GOL non-polymer GLYCEROL 'C3 H8 O3'
LOP non-polymer '(1R)-2-{[(R)-(2-AMINOETHOXY)(HYDROXY)PHOSPHORYL]OXY}-1-[(DODECANOYLOXY)METHYL]ETHYL (9Z)-OCTADEC-9-ENOATE' 'C35 H68 N O8 P'
#
# COMPACT_ATOMS: atom_id res chain seq x y z
N ASP A 15 14.79 6.42 35.22
CA ASP A 15 15.65 5.28 34.93
C ASP A 15 16.20 5.33 33.51
N ASN A 16 17.03 4.35 33.18
CA ASN A 16 17.72 4.35 31.89
C ASN A 16 16.74 4.25 30.73
N TRP A 17 15.69 3.44 30.88
CA TRP A 17 14.71 3.29 29.81
C TRP A 17 14.08 4.64 29.48
N TYR A 18 13.64 5.36 30.52
CA TYR A 18 13.06 6.68 30.30
C TYR A 18 14.07 7.64 29.69
N ARG A 19 15.31 7.65 30.21
CA ARG A 19 16.30 8.59 29.68
C ARG A 19 16.58 8.31 28.21
N ILE A 20 16.82 7.05 27.86
CA ILE A 20 17.07 6.69 26.47
C ILE A 20 15.92 7.12 25.58
N ALA A 21 14.69 6.79 25.99
CA ALA A 21 13.53 7.12 25.15
C ALA A 21 13.36 8.62 25.02
N ASN A 22 13.50 9.35 26.12
CA ASN A 22 13.36 10.79 26.08
C ASN A 22 14.41 11.40 25.16
N GLU A 23 15.63 10.86 25.19
CA GLU A 23 16.70 11.41 24.36
C GLU A 23 16.44 11.16 22.88
N LEU A 24 16.00 9.94 22.54
CA LEU A 24 15.67 9.66 21.14
C LEU A 24 14.54 10.55 20.65
N LEU A 25 13.47 10.66 21.43
CA LEU A 25 12.30 11.41 20.98
C LEU A 25 12.60 12.90 20.84
N SER A 26 13.46 13.45 21.70
CA SER A 26 13.81 14.86 21.60
C SER A 26 14.54 15.16 20.30
N ARG A 27 15.35 14.22 19.79
CA ARG A 27 15.99 14.42 18.49
C ARG A 27 14.96 14.55 17.38
N ALA A 28 13.78 13.94 17.53
CA ALA A 28 12.71 14.10 16.56
C ALA A 28 11.78 15.26 16.89
N GLY A 29 12.05 16.02 17.95
CA GLY A 29 11.15 17.09 18.34
C GLY A 29 9.87 16.62 19.01
N ILE A 30 9.93 15.52 19.74
CA ILE A 30 8.76 14.95 20.40
C ILE A 30 8.98 14.98 21.89
N ALA A 31 8.04 15.57 22.61
CA ALA A 31 8.11 15.65 24.07
C ALA A 31 7.23 14.59 24.69
N ILE A 32 7.74 13.96 25.75
CA ILE A 32 6.98 13.02 26.55
C ILE A 32 6.07 13.81 27.47
N ASN A 33 4.76 13.55 27.37
CA ASN A 33 3.74 14.21 28.18
C ASN A 33 3.64 15.70 27.87
N GLY A 34 3.99 16.09 26.65
CA GLY A 34 3.78 17.45 26.20
C GLY A 34 2.40 17.62 25.58
N SER A 35 2.14 18.84 25.11
CA SER A 35 0.83 19.22 24.61
C SER A 35 0.81 19.49 23.11
N ALA A 36 1.97 19.50 22.46
CA ALA A 36 2.01 19.71 21.03
C ALA A 36 1.31 18.55 20.32
N PRO A 37 0.87 18.76 19.07
CA PRO A 37 0.06 17.72 18.41
C PRO A 37 0.75 16.37 18.30
N ALA A 38 2.05 16.35 18.03
CA ALA A 38 2.78 15.10 17.87
C ALA A 38 3.40 14.60 19.16
N ASP A 39 3.24 15.31 20.27
CA ASP A 39 3.75 14.80 21.52
C ASP A 39 2.95 13.58 21.98
N ILE A 40 3.54 12.77 22.85
CA ILE A 40 2.88 11.60 23.37
C ILE A 40 2.62 11.79 24.85
N ARG A 41 1.54 11.20 25.33
CA ARG A 41 1.19 11.15 26.74
C ARG A 41 1.23 9.68 27.15
N VAL A 42 2.01 9.38 28.18
CA VAL A 42 2.28 8.01 28.59
C VAL A 42 1.49 7.72 29.86
N LYS A 43 0.65 6.68 29.81
CA LYS A 43 -0.20 6.32 30.93
C LYS A 43 0.33 5.13 31.72
N ASN A 44 1.18 4.30 31.12
CA ASN A 44 1.79 3.17 31.81
C ASN A 44 3.30 3.29 31.70
N PRO A 45 4.02 3.52 32.81
CA PRO A 45 5.47 3.77 32.71
C PRO A 45 6.28 2.59 32.20
N ASP A 46 5.72 1.36 32.19
CA ASP A 46 6.38 0.25 31.52
C ASP A 46 6.52 0.47 30.01
N PHE A 47 5.89 1.50 29.45
CA PHE A 47 5.97 1.79 28.02
C PHE A 47 7.42 1.90 27.52
N PHE A 48 8.25 2.64 28.24
CA PHE A 48 9.58 2.96 27.70
C PHE A 48 10.40 1.68 27.54
N LYS A 49 10.44 0.84 28.57
CA LYS A 49 11.13 -0.43 28.47
C LYS A 49 10.55 -1.29 27.36
N ARG A 50 9.21 -1.38 27.29
CA ARG A 50 8.57 -2.25 26.31
C ARG A 50 8.94 -1.84 24.89
N VAL A 51 8.92 -0.54 24.60
CA VAL A 51 9.21 -0.08 23.25
C VAL A 51 10.67 -0.30 22.89
N LEU A 52 11.59 -0.09 23.84
CA LEU A 52 13.00 -0.27 23.53
C LEU A 52 13.35 -1.74 23.38
N GLN A 53 12.72 -2.62 24.14
CA GLN A 53 12.99 -4.05 23.98
C GLN A 53 12.26 -4.64 22.77
N GLU A 54 11.02 -4.18 22.50
CA GLU A 54 10.17 -4.85 21.52
C GLU A 54 10.01 -4.08 20.21
N GLY A 55 10.54 -2.86 20.11
CA GLY A 55 10.58 -2.18 18.83
C GLY A 55 9.20 -1.87 18.28
N SER A 56 9.09 -1.97 16.97
CA SER A 56 7.85 -1.64 16.27
C SER A 56 6.65 -2.36 16.88
N LEU A 57 6.79 -3.65 17.16
CA LEU A 57 5.69 -4.41 17.74
C LEU A 57 5.28 -3.85 19.10
N GLY A 58 6.25 -3.51 19.96
CA GLY A 58 5.91 -2.98 21.26
C GLY A 58 5.29 -1.60 21.18
N LEU A 59 5.74 -0.78 20.24
CA LEU A 59 5.16 0.54 20.07
C LEU A 59 3.68 0.43 19.68
N GLY A 60 3.38 -0.40 18.69
CA GLY A 60 1.99 -0.52 18.23
C GLY A 60 1.11 -1.29 19.18
N GLU A 61 1.64 -2.36 19.77
CA GLU A 61 0.82 -3.13 20.70
C GLU A 61 0.57 -2.35 21.98
N SER A 62 1.56 -1.58 22.43
CA SER A 62 1.31 -0.75 23.60
C SER A 62 0.29 0.34 23.28
N TYR A 63 0.27 0.84 22.04
CA TYR A 63 -0.77 1.80 21.68
C TYR A 63 -2.14 1.13 21.77
N MET A 64 -2.26 -0.06 21.19
CA MET A 64 -3.53 -0.79 21.23
C MET A 64 -3.95 -1.06 22.67
N ASP A 65 -2.98 -1.37 23.55
CA ASP A 65 -3.24 -1.62 24.97
C ASP A 65 -3.59 -0.38 25.75
N GLY A 66 -3.59 0.80 25.14
CA GLY A 66 -3.93 2.02 25.83
C GLY A 66 -2.84 2.57 26.73
N TRP A 67 -1.58 2.19 26.51
CA TRP A 67 -0.49 2.65 27.36
C TRP A 67 -0.04 4.07 27.03
N TRP A 68 -0.45 4.62 25.89
CA TRP A 68 -0.07 5.96 25.51
C TRP A 68 -1.07 6.50 24.51
N GLU A 69 -1.07 7.82 24.38
CA GLU A 69 -1.96 8.54 23.47
C GLU A 69 -1.14 9.58 22.72
N CYS A 70 -1.70 10.02 21.59
CA CYS A 70 -1.07 11.02 20.74
C CYS A 70 -2.15 11.65 19.88
N ASP A 71 -2.17 12.97 19.81
CA ASP A 71 -3.21 13.68 19.05
C ASP A 71 -3.02 13.53 17.54
N ARG A 72 -1.77 13.46 17.07
CA ARG A 72 -1.50 13.37 15.63
C ARG A 72 -0.43 12.30 15.42
N LEU A 73 -0.87 11.03 15.39
CA LEU A 73 0.08 9.93 15.22
C LEU A 73 0.79 10.03 13.88
N ASP A 74 0.12 10.59 12.88
CA ASP A 74 0.74 10.76 11.57
C ASP A 74 1.94 11.71 11.66
N MET A 75 1.81 12.79 12.44
CA MET A 75 2.92 13.71 12.64
C MET A 75 4.00 13.06 13.49
N PHE A 76 3.61 12.33 14.53
CA PHE A 76 4.56 11.59 15.35
C PHE A 76 5.43 10.69 14.49
N PHE A 77 4.82 9.89 13.61
CA PHE A 77 5.59 8.92 12.85
C PHE A 77 6.43 9.59 11.78
N SER A 78 5.92 10.65 11.17
CA SER A 78 6.71 11.42 10.23
C SER A 78 7.97 11.95 10.89
N LYS A 79 7.83 12.54 12.08
CA LYS A 79 9.01 13.07 12.78
C LYS A 79 9.94 11.95 13.21
N VAL A 80 9.39 10.88 13.77
CA VAL A 80 10.22 9.76 14.22
C VAL A 80 11.02 9.20 13.05
N LEU A 81 10.37 9.02 11.90
CA LEU A 81 11.04 8.38 10.78
C LEU A 81 12.00 9.34 10.09
N ARG A 82 11.65 10.62 9.98
CA ARG A 82 12.60 11.59 9.43
C ARG A 82 13.89 11.58 10.23
N ALA A 83 13.78 11.62 11.55
CA ALA A 83 14.96 11.58 12.41
C ALA A 83 15.64 10.22 12.41
N GLY A 84 15.04 9.20 11.80
CA GLY A 84 15.64 7.87 11.76
C GLY A 84 15.87 7.24 13.12
N LEU A 85 14.92 7.39 14.04
CA LEU A 85 15.12 6.87 15.39
C LEU A 85 15.21 5.36 15.42
N GLU A 86 14.52 4.66 14.52
CA GLU A 86 14.66 3.21 14.45
C GLU A 86 16.10 2.80 14.23
N ASN A 87 16.94 3.70 13.70
CA ASN A 87 18.36 3.44 13.48
C ASN A 87 19.24 4.02 14.59
N GLN A 88 18.93 5.22 15.09
CA GLN A 88 19.70 5.80 16.19
C GLN A 88 19.56 5.01 17.48
N LEU A 89 18.72 3.99 17.49
CA LEU A 89 18.55 3.17 18.68
C LEU A 89 19.91 2.57 19.07
N PRO A 90 20.20 2.41 20.37
CA PRO A 90 21.45 1.74 20.76
C PRO A 90 21.55 0.34 20.15
N HIS A 91 22.79 -0.05 19.83
CA HIS A 91 23.01 -1.21 18.97
C HIS A 91 22.45 -2.50 19.57
N HIS A 92 22.65 -2.71 20.87
CA HIS A 92 22.19 -3.97 21.46
C HIS A 92 20.68 -4.12 21.44
N PHE A 93 19.95 -3.04 21.17
CA PHE A 93 18.50 -3.16 20.94
C PHE A 93 18.21 -3.55 19.50
N LYS A 94 18.78 -2.82 18.54
CA LYS A 94 18.56 -3.13 17.13
C LYS A 94 18.87 -4.59 16.83
N ASP A 95 20.07 -5.05 17.22
CA ASP A 95 20.49 -6.40 16.87
C ASP A 95 19.46 -7.43 17.33
N THR A 96 19.01 -7.33 18.58
CA THR A 96 18.03 -8.27 19.10
C THR A 96 16.79 -8.32 18.20
N LEU A 97 16.38 -7.16 17.70
CA LEU A 97 15.16 -7.07 16.90
C LEU A 97 15.35 -7.70 15.53
N ARG A 98 16.42 -7.33 14.83
CA ARG A 98 16.71 -7.88 13.51
C ARG A 98 16.55 -9.40 13.50
N ILE A 99 17.10 -10.06 14.50
CA ILE A 99 17.02 -11.53 14.58
C ILE A 99 15.56 -11.97 14.47
N ALA A 100 14.68 -11.36 15.24
CA ALA A 100 13.26 -11.66 15.14
C ALA A 100 12.72 -11.26 13.77
N ASP A 122 -10.10 -8.85 11.22
CA ASP A 122 -10.12 -8.73 9.77
C ASP A 122 -11.14 -7.68 9.32
N LEU A 123 -11.05 -7.25 8.05
CA LEU A 123 -11.79 -6.11 7.56
C LEU A 123 -12.97 -6.55 6.69
N GLY A 124 -14.10 -5.85 6.84
CA GLY A 124 -15.33 -6.20 6.18
C GLY A 124 -15.85 -5.09 5.27
N ASN A 125 -16.84 -5.45 4.45
CA ASN A 125 -17.38 -4.51 3.48
C ASN A 125 -18.14 -3.37 4.14
N ASP A 126 -18.64 -3.55 5.35
CA ASP A 126 -19.25 -2.40 6.01
C ASP A 126 -18.22 -1.29 6.24
N LEU A 127 -16.98 -1.67 6.51
CA LEU A 127 -15.91 -0.68 6.70
C LEU A 127 -15.42 -0.10 5.38
N PHE A 128 -15.09 -0.96 4.42
CA PHE A 128 -14.46 -0.48 3.19
C PHE A 128 -15.42 0.37 2.36
N SER A 129 -16.69 -0.03 2.29
CA SER A 129 -17.64 0.72 1.47
C SER A 129 -17.77 2.16 1.95
N ARG A 130 -17.59 2.39 3.25
CA ARG A 130 -17.64 3.73 3.79
C ARG A 130 -16.28 4.45 3.73
N MET A 131 -15.19 3.72 3.93
CA MET A 131 -13.89 4.39 3.96
C MET A 131 -13.38 4.72 2.55
N LEU A 132 -13.51 3.77 1.63
CA LEU A 132 -13.03 3.94 0.27
C LEU A 132 -13.97 4.82 -0.55
N ASP A 133 -13.57 5.06 -1.80
CA ASP A 133 -14.30 5.86 -2.77
C ASP A 133 -15.30 4.98 -3.52
N PRO A 134 -16.15 5.54 -4.38
CA PRO A 134 -17.12 4.70 -5.12
C PRO A 134 -16.51 3.59 -5.95
N PHE A 135 -15.25 3.70 -6.39
CA PHE A 135 -14.63 2.60 -7.12
C PHE A 135 -13.90 1.63 -6.21
N MET A 136 -14.06 1.76 -4.89
CA MET A 136 -13.47 0.82 -3.94
C MET A 136 -11.97 0.60 -4.20
N GLN A 137 -11.22 1.71 -4.27
CA GLN A 137 -9.78 1.64 -4.52
C GLN A 137 -9.05 1.61 -3.19
N TYR A 138 -8.62 0.42 -2.77
CA TYR A 138 -7.80 0.27 -1.58
C TYR A 138 -6.34 0.33 -1.98
N SER A 139 -5.98 1.50 -2.51
CA SER A 139 -4.70 1.73 -3.16
C SER A 139 -4.52 3.24 -3.27
N CYS A 140 -3.28 3.65 -3.57
CA CYS A 140 -2.94 5.07 -3.59
C CYS A 140 -3.74 5.81 -4.65
N ALA A 141 -4.21 7.00 -4.30
CA ALA A 141 -4.86 7.90 -5.24
C ALA A 141 -3.84 8.89 -5.78
N TYR A 142 -4.27 9.71 -6.74
CA TYR A 142 -3.38 10.66 -7.42
C TYR A 142 -3.92 12.07 -7.23
N TRP A 143 -3.25 12.85 -6.39
CA TRP A 143 -3.74 14.15 -5.94
C TRP A 143 -3.12 15.33 -6.69
N LYS A 144 -2.51 15.09 -7.85
CA LYS A 144 -1.86 16.19 -8.56
C LYS A 144 -2.83 17.34 -8.84
N ASP A 145 -4.07 17.03 -9.20
CA ASP A 145 -5.06 18.05 -9.54
C ASP A 145 -6.40 17.81 -8.85
N ALA A 146 -6.45 16.95 -7.85
CA ALA A 146 -7.70 16.67 -7.16
C ALA A 146 -7.60 17.16 -5.73
N ASP A 147 -8.75 17.56 -5.17
CA ASP A 147 -8.82 18.04 -3.79
C ASP A 147 -9.72 17.19 -2.92
N ASN A 148 -10.11 16.00 -3.38
CA ASN A 148 -10.90 15.08 -2.58
C ASN A 148 -10.61 13.66 -3.03
N LEU A 149 -10.88 12.71 -2.14
CA LEU A 149 -10.54 11.32 -2.41
C LEU A 149 -11.18 10.80 -3.68
N GLU A 150 -12.45 11.10 -3.89
CA GLU A 150 -13.16 10.51 -5.03
C GLU A 150 -12.54 10.95 -6.35
N SER A 151 -12.26 12.25 -6.48
CA SER A 151 -11.63 12.79 -7.68
C SER A 151 -10.21 12.25 -7.83
N ALA A 152 -9.50 12.10 -6.70
CA ALA A 152 -8.12 11.62 -6.73
C ALA A 152 -8.05 10.19 -7.23
N GLN A 153 -9.03 9.35 -6.86
CA GLN A 153 -9.05 7.97 -7.33
C GLN A 153 -9.41 7.88 -8.81
N GLN A 154 -10.36 8.70 -9.26
CA GLN A 154 -10.66 8.73 -10.70
C GLN A 154 -9.43 9.17 -11.51
N ALA A 155 -8.70 10.16 -11.02
CA ALA A 155 -7.50 10.61 -11.71
C ALA A 155 -6.45 9.50 -11.76
N LYS A 156 -6.34 8.71 -10.68
CA LYS A 156 -5.42 7.56 -10.66
C LYS A 156 -5.88 6.49 -11.64
N LEU A 157 -7.17 6.19 -11.64
CA LEU A 157 -7.70 5.22 -12.60
C LEU A 157 -7.52 5.71 -14.03
N LYS A 158 -7.83 6.98 -14.28
CA LYS A 158 -7.64 7.50 -15.63
C LYS A 158 -6.18 7.45 -16.04
N MET A 159 -5.27 7.78 -15.11
CA MET A 159 -3.85 7.74 -15.45
C MET A 159 -3.40 6.33 -15.80
N ILE A 160 -3.85 5.32 -15.05
CA ILE A 160 -3.52 3.94 -15.41
C ILE A 160 -3.96 3.64 -16.84
N CYS A 161 -5.19 4.02 -17.18
CA CYS A 161 -5.72 3.72 -18.51
C CYS A 161 -4.94 4.46 -19.59
N GLU A 162 -4.61 5.72 -19.35
CA GLU A 162 -3.85 6.49 -20.34
C GLU A 162 -2.42 5.99 -20.48
N LYS A 163 -1.80 5.56 -19.39
CA LYS A 163 -0.45 4.99 -19.53
C LYS A 163 -0.47 3.71 -20.35
N LEU A 164 -1.55 2.92 -20.22
CA LEU A 164 -1.68 1.68 -20.98
C LEU A 164 -1.98 1.91 -22.46
N GLN A 165 -2.32 3.14 -22.86
CA GLN A 165 -2.60 3.46 -24.26
C GLN A 165 -3.58 2.44 -24.84
N LEU A 166 -4.78 2.45 -24.27
CA LEU A 166 -5.81 1.48 -24.60
C LEU A 166 -6.48 1.87 -25.91
N LYS A 167 -6.71 0.88 -26.76
CA LYS A 167 -7.40 1.05 -28.02
C LYS A 167 -8.58 0.08 -28.10
N PRO A 168 -9.60 0.40 -28.89
CA PRO A 168 -10.82 -0.43 -28.88
C PRO A 168 -10.55 -1.85 -29.33
N GLY A 169 -11.17 -2.80 -28.64
CA GLY A 169 -11.00 -4.20 -28.96
C GLY A 169 -9.87 -4.89 -28.21
N MET A 170 -9.08 -4.16 -27.43
CA MET A 170 -7.98 -4.80 -26.71
C MET A 170 -8.51 -5.60 -25.54
N ARG A 171 -7.74 -6.63 -25.17
CA ARG A 171 -8.04 -7.49 -24.04
C ARG A 171 -7.00 -7.21 -22.97
N VAL A 172 -7.46 -6.90 -21.76
CA VAL A 172 -6.60 -6.47 -20.65
C VAL A 172 -6.74 -7.45 -19.52
N LEU A 173 -5.60 -7.86 -18.96
CA LEU A 173 -5.56 -8.67 -17.75
C LEU A 173 -5.23 -7.79 -16.54
N ASP A 174 -6.04 -7.91 -15.50
CA ASP A 174 -5.83 -7.21 -14.22
C ASP A 174 -5.49 -8.25 -13.17
N ILE A 175 -4.21 -8.34 -12.81
CA ILE A 175 -3.76 -9.28 -11.80
C ILE A 175 -3.96 -8.66 -10.43
N GLY A 176 -4.84 -9.27 -9.63
CA GLY A 176 -5.20 -8.76 -8.33
C GLY A 176 -6.31 -7.73 -8.42
N CYS A 177 -7.46 -8.13 -8.97
CA CYS A 177 -8.48 -7.16 -9.34
C CYS A 177 -9.32 -6.66 -8.17
N GLY A 178 -9.26 -7.33 -7.02
CA GLY A 178 -10.03 -6.87 -5.86
C GLY A 178 -11.53 -6.87 -6.12
N TRP A 179 -12.18 -5.76 -5.76
CA TRP A 179 -13.62 -5.59 -5.98
C TRP A 179 -13.97 -5.12 -7.39
N GLY A 180 -13.01 -5.07 -8.31
CA GLY A 180 -13.31 -4.81 -9.71
C GLY A 180 -13.46 -3.36 -10.11
N GLY A 181 -13.08 -2.42 -9.24
CA GLY A 181 -13.18 -1.02 -9.60
C GLY A 181 -12.39 -0.65 -10.84
N LEU A 182 -11.18 -1.22 -11.00
CA LEU A 182 -10.36 -0.85 -12.15
C LEU A 182 -10.92 -1.47 -13.42
N ALA A 183 -11.31 -2.74 -13.38
CA ALA A 183 -11.97 -3.34 -14.53
C ALA A 183 -13.23 -2.57 -14.88
N HIS A 184 -14.04 -2.26 -13.87
CA HIS A 184 -15.22 -1.44 -14.06
C HIS A 184 -14.86 -0.15 -14.79
N TYR A 185 -13.92 0.61 -14.21
CA TYR A 185 -13.58 1.90 -14.79
C TYR A 185 -13.10 1.77 -16.23
N MET A 186 -12.30 0.75 -16.53
CA MET A 186 -11.68 0.76 -17.84
C MET A 186 -12.58 0.16 -18.91
N ALA A 187 -13.37 -0.87 -18.56
CA ALA A 187 -14.36 -1.38 -19.50
C ALA A 187 -15.41 -0.30 -19.79
N SER A 188 -15.82 0.45 -18.78
CA SER A 188 -16.84 1.47 -19.00
C SER A 188 -16.35 2.58 -19.90
N ASN A 189 -15.08 2.99 -19.74
CA ASN A 189 -14.59 4.20 -20.39
C ASN A 189 -13.78 3.95 -21.64
N TYR A 190 -13.28 2.74 -21.84
CA TYR A 190 -12.51 2.37 -23.02
C TYR A 190 -13.14 1.11 -23.58
N ASP A 191 -13.01 0.93 -24.89
CA ASP A 191 -13.72 -0.18 -25.55
C ASP A 191 -12.82 -1.41 -25.53
N VAL A 192 -12.68 -1.98 -24.32
CA VAL A 192 -11.76 -3.08 -24.10
C VAL A 192 -12.46 -4.18 -23.31
N SER A 193 -11.96 -5.40 -23.47
CA SER A 193 -12.32 -6.52 -22.65
C SER A 193 -11.35 -6.62 -21.48
N VAL A 194 -11.85 -7.00 -20.32
CA VAL A 194 -11.03 -7.12 -19.11
C VAL A 194 -11.20 -8.51 -18.51
N VAL A 195 -10.09 -9.15 -18.17
CA VAL A 195 -10.06 -10.35 -17.35
C VAL A 195 -9.42 -9.97 -16.02
N GLY A 196 -10.20 -10.10 -14.95
CA GLY A 196 -9.71 -9.84 -13.61
C GLY A 196 -9.39 -11.16 -12.91
N VAL A 197 -8.35 -11.14 -12.08
CA VAL A 197 -7.94 -12.31 -11.33
C VAL A 197 -7.83 -11.94 -9.87
N THR A 198 -8.48 -12.74 -9.01
CA THR A 198 -8.45 -12.52 -7.57
C THR A 198 -8.37 -13.86 -6.86
N ILE A 199 -8.04 -13.77 -5.58
CA ILE A 199 -7.95 -14.93 -4.71
C ILE A 199 -9.12 -15.01 -3.73
N SER A 200 -9.88 -13.93 -3.56
CA SER A 200 -10.97 -13.87 -2.61
C SER A 200 -12.28 -14.19 -3.32
N ALA A 201 -12.96 -15.23 -2.84
CA ALA A 201 -14.26 -15.58 -3.43
C ALA A 201 -15.28 -14.47 -3.20
N GLU A 202 -15.16 -13.72 -2.10
CA GLU A 202 -16.08 -12.61 -1.89
C GLU A 202 -15.84 -11.49 -2.89
N GLN A 203 -14.57 -11.14 -3.11
CA GLN A 203 -14.24 -10.07 -4.04
C GLN A 203 -14.67 -10.43 -5.45
N GLN A 204 -14.49 -11.70 -5.84
CA GLN A 204 -14.98 -12.15 -7.14
C GLN A 204 -16.46 -11.77 -7.32
N LYS A 205 -17.29 -12.09 -6.33
CA LYS A 205 -18.73 -11.90 -6.48
C LYS A 205 -19.06 -10.42 -6.58
N MET A 206 -18.50 -9.60 -5.69
CA MET A 206 -18.77 -8.19 -5.73
C MET A 206 -18.26 -7.56 -7.02
N ALA A 207 -17.13 -8.06 -7.52
CA ALA A 207 -16.58 -7.55 -8.78
C ALA A 207 -17.47 -7.92 -9.96
N GLN A 208 -17.97 -9.15 -9.98
CA GLN A 208 -18.92 -9.55 -11.02
C GLN A 208 -20.17 -8.69 -10.97
N GLU A 209 -20.71 -8.46 -9.77
CA GLU A 209 -21.92 -7.64 -9.65
C GLU A 209 -21.65 -6.22 -10.12
N ARG A 210 -20.49 -5.66 -9.74
CA ARG A 210 -20.16 -4.30 -10.12
C ARG A 210 -20.05 -4.16 -11.63
N CYS A 211 -19.53 -5.18 -12.30
CA CYS A 211 -19.25 -5.12 -13.72
C CYS A 211 -20.32 -5.76 -14.61
N GLU A 212 -21.48 -6.11 -14.04
CA GLU A 212 -22.59 -6.63 -14.85
C GLU A 212 -22.92 -5.68 -15.99
N GLY A 213 -23.01 -6.22 -17.20
CA GLY A 213 -23.26 -5.42 -18.38
C GLY A 213 -22.01 -5.04 -19.14
N LEU A 214 -20.83 -5.36 -18.62
CA LEU A 214 -19.56 -5.01 -19.24
C LEU A 214 -18.85 -6.30 -19.65
N ASP A 215 -17.93 -6.17 -20.60
CA ASP A 215 -17.15 -7.30 -21.10
C ASP A 215 -16.01 -7.58 -20.12
N VAL A 216 -16.39 -8.05 -18.94
CA VAL A 216 -15.46 -8.31 -17.85
C VAL A 216 -15.66 -9.73 -17.37
N THR A 217 -14.56 -10.46 -17.20
CA THR A 217 -14.57 -11.78 -16.59
C THR A 217 -13.67 -11.73 -15.37
N ILE A 218 -14.22 -12.15 -14.23
CA ILE A 218 -13.46 -12.25 -12.99
C ILE A 218 -13.20 -13.71 -12.69
N LEU A 219 -11.93 -14.09 -12.71
CA LEU A 219 -11.50 -15.46 -12.42
C LEU A 219 -11.05 -15.55 -10.98
N LEU A 220 -11.39 -16.66 -10.34
CA LEU A 220 -10.94 -16.97 -8.99
C LEU A 220 -9.92 -18.09 -9.17
N GLN A 221 -8.65 -17.73 -9.16
CA GLN A 221 -7.60 -18.72 -9.37
C GLN A 221 -6.25 -18.11 -9.01
N ASP A 222 -5.22 -18.93 -9.14
CA ASP A 222 -3.84 -18.48 -8.97
C ASP A 222 -3.35 -17.89 -10.29
N TYR A 223 -2.84 -16.66 -10.23
CA TYR A 223 -2.36 -15.98 -11.43
C TYR A 223 -1.27 -16.79 -12.12
N ARG A 224 -0.48 -17.53 -11.35
CA ARG A 224 0.61 -18.30 -11.93
C ARG A 224 0.13 -19.39 -12.88
N ASP A 225 -1.15 -19.74 -12.84
CA ASP A 225 -1.68 -20.73 -13.77
C ASP A 225 -2.15 -20.11 -15.08
N LEU A 226 -2.12 -18.78 -15.20
CA LEU A 226 -2.58 -18.15 -16.42
C LEU A 226 -1.65 -18.52 -17.57
N ASN A 227 -2.24 -18.94 -18.68
CA ASN A 227 -1.50 -19.15 -19.93
C ASN A 227 -2.39 -18.63 -21.07
N ASP A 228 -2.28 -17.34 -21.35
CA ASP A 228 -3.15 -16.67 -22.30
C ASP A 228 -2.29 -15.63 -23.02
N GLN A 229 -2.94 -14.70 -23.72
CA GLN A 229 -2.22 -13.65 -24.44
C GLN A 229 -3.08 -12.40 -24.35
N PHE A 230 -2.57 -11.37 -23.67
CA PHE A 230 -3.29 -10.12 -23.49
C PHE A 230 -2.54 -8.99 -24.17
N ASP A 231 -3.31 -8.01 -24.64
CA ASP A 231 -2.70 -6.82 -25.22
C ASP A 231 -2.04 -5.97 -24.13
N ARG A 232 -2.59 -6.01 -22.93
CA ARG A 232 -2.12 -5.20 -21.82
C ARG A 232 -2.32 -5.97 -20.53
N ILE A 233 -1.44 -5.71 -19.58
CA ILE A 233 -1.56 -6.28 -18.25
C ILE A 233 -1.34 -5.17 -17.24
N VAL A 234 -2.09 -5.22 -16.16
CA VAL A 234 -1.99 -4.25 -15.08
C VAL A 234 -2.08 -5.00 -13.77
N SER A 235 -1.34 -4.53 -12.77
CA SER A 235 -1.31 -5.19 -11.47
C SER A 235 -1.18 -4.12 -10.40
N VAL A 236 -2.12 -4.09 -9.49
CA VAL A 236 -2.19 -3.08 -8.44
C VAL A 236 -2.25 -3.82 -7.11
N GLY A 237 -1.26 -3.58 -6.25
CA GLY A 237 -1.37 -3.98 -4.87
C GLY A 237 -1.44 -5.47 -4.62
N MET A 238 -0.88 -6.28 -5.51
CA MET A 238 -0.63 -7.68 -5.20
C MET A 238 0.83 -8.06 -5.21
N PHE A 239 1.69 -7.28 -5.89
CA PHE A 239 3.12 -7.57 -5.93
C PHE A 239 3.74 -7.54 -4.52
N GLU A 240 3.26 -6.65 -3.66
CA GLU A 240 3.73 -6.59 -2.27
C GLU A 240 3.52 -7.89 -1.48
N HIS A 241 2.70 -8.80 -1.98
CA HIS A 241 2.44 -10.07 -1.29
C HIS A 241 3.08 -11.24 -2.01
N VAL A 242 3.77 -10.98 -3.12
CA VAL A 242 4.40 -12.06 -3.86
C VAL A 242 5.63 -12.59 -3.12
N GLY A 243 6.39 -11.71 -2.47
CA GLY A 243 7.63 -12.09 -1.83
C GLY A 243 8.79 -12.07 -2.81
N PRO A 244 9.93 -11.52 -2.41
CA PRO A 244 11.05 -11.36 -3.37
C PRO A 244 11.58 -12.66 -3.96
N LYS A 245 11.54 -13.76 -3.21
CA LYS A 245 11.93 -15.04 -3.78
C LYS A 245 11.11 -15.41 -5.01
N ASN A 246 9.92 -14.83 -5.17
CA ASN A 246 9.06 -15.16 -6.29
C ASN A 246 8.94 -14.05 -7.34
N TYR A 247 9.79 -13.02 -7.28
CA TYR A 247 9.72 -11.96 -8.29
C TYR A 247 10.05 -12.50 -9.67
N ASP A 248 11.07 -13.35 -9.76
CA ASP A 248 11.43 -13.92 -11.05
C ASP A 248 10.25 -14.66 -11.67
N THR A 249 9.55 -15.46 -10.87
CA THR A 249 8.37 -16.17 -11.38
C THR A 249 7.28 -15.20 -11.79
N TYR A 250 7.07 -14.16 -10.99
CA TYR A 250 6.03 -13.19 -11.30
C TYR A 250 6.24 -12.58 -12.68
N PHE A 251 7.44 -12.04 -12.95
CA PHE A 251 7.69 -11.44 -14.25
C PHE A 251 7.69 -12.48 -15.36
N ALA A 252 8.06 -13.73 -15.07
CA ALA A 252 7.94 -14.77 -16.08
C ALA A 252 6.48 -15.04 -16.41
N VAL A 253 5.60 -14.99 -15.42
CA VAL A 253 4.18 -15.19 -15.69
C VAL A 253 3.62 -14.04 -16.51
N VAL A 254 3.97 -12.80 -16.17
CA VAL A 254 3.51 -11.66 -16.95
C VAL A 254 3.98 -11.78 -18.40
N ASP A 255 5.25 -12.11 -18.59
CA ASP A 255 5.82 -12.28 -19.93
C ASP A 255 5.04 -13.32 -20.72
N ARG A 256 4.79 -14.48 -20.10
CA ARG A 256 4.03 -15.54 -20.78
C ARG A 256 2.67 -15.04 -21.26
N ASN A 257 2.04 -14.13 -20.54
CA ASN A 257 0.68 -13.74 -20.81
C ASN A 257 0.54 -12.45 -21.60
N LEU A 258 1.65 -11.83 -22.01
CA LEU A 258 1.63 -10.54 -22.68
C LEU A 258 1.93 -10.75 -24.16
N LYS A 259 1.07 -10.22 -25.01
CA LYS A 259 1.31 -10.28 -26.45
C LYS A 259 2.60 -9.54 -26.81
N PRO A 260 3.19 -9.87 -27.97
CA PRO A 260 4.52 -9.32 -28.31
C PRO A 260 4.67 -7.81 -28.19
N GLU A 261 3.73 -7.03 -28.71
CA GLU A 261 3.79 -5.58 -28.62
C GLU A 261 3.05 -5.04 -27.41
N GLY A 262 2.80 -5.89 -26.42
CA GLY A 262 2.00 -5.48 -25.29
C GLY A 262 2.73 -4.55 -24.34
N ILE A 263 1.94 -4.02 -23.41
CA ILE A 263 2.42 -3.11 -22.37
C ILE A 263 1.91 -3.61 -21.02
N PHE A 264 2.78 -3.53 -20.03
CA PHE A 264 2.52 -3.96 -18.67
C PHE A 264 2.76 -2.80 -17.71
N LEU A 265 1.78 -2.51 -16.86
CA LEU A 265 1.89 -1.51 -15.81
C LEU A 265 1.86 -2.17 -14.44
N LEU A 266 2.91 -1.94 -13.66
CA LEU A 266 3.04 -2.46 -12.31
C LEU A 266 2.87 -1.31 -11.32
N HIS A 267 1.93 -1.46 -10.40
CA HIS A 267 1.65 -0.45 -9.38
C HIS A 267 1.89 -1.11 -8.03
N THR A 268 2.84 -0.55 -7.25
CA THR A 268 3.22 -1.21 -6.01
C THR A 268 3.83 -0.21 -5.04
N ILE A 269 3.58 -0.42 -3.76
CA ILE A 269 4.34 0.26 -2.73
C ILE A 269 5.77 -0.25 -2.79
N GLY A 270 6.72 0.59 -2.38
CA GLY A 270 8.12 0.28 -2.52
C GLY A 270 8.94 0.73 -1.33
N SER A 271 10.06 0.05 -1.13
CA SER A 271 11.01 0.35 -0.08
C SER A 271 12.23 1.04 -0.68
N LYS A 272 12.86 1.89 0.10
CA LYS A 272 14.09 2.51 -0.39
C LYS A 272 15.32 1.62 -0.19
N LYS A 273 15.15 0.41 0.34
CA LYS A 273 16.26 -0.47 0.66
C LYS A 273 15.94 -1.90 0.21
N THR A 274 16.99 -2.63 -0.20
CA THR A 274 16.88 -4.02 -0.66
C THR A 274 17.15 -4.94 0.53
N ASP A 275 16.10 -5.52 1.09
CA ASP A 275 16.23 -6.51 2.16
C ASP A 275 14.85 -7.14 2.39
N LEU A 276 14.71 -7.85 3.52
CA LEU A 276 13.40 -8.23 4.02
C LEU A 276 12.74 -6.97 4.59
N ASN A 277 11.94 -6.31 3.77
CA ASN A 277 11.29 -5.06 4.15
C ASN A 277 9.92 -5.40 4.73
N VAL A 278 9.95 -5.88 5.98
CA VAL A 278 8.74 -6.32 6.70
C VAL A 278 8.70 -5.63 8.07
N ASP A 279 7.68 -4.84 8.30
CA ASP A 279 7.54 -4.26 9.62
C ASP A 279 6.82 -5.25 10.53
N PRO A 280 7.36 -5.58 11.71
CA PRO A 280 6.74 -6.62 12.55
C PRO A 280 5.30 -6.34 12.90
N TRP A 281 4.94 -5.09 13.18
CA TRP A 281 3.57 -4.80 13.59
C TRP A 281 2.61 -4.92 12.42
N ILE A 282 2.95 -4.31 11.29
CA ILE A 282 2.15 -4.47 10.08
C ILE A 282 1.98 -5.94 9.76
N ASN A 283 3.07 -6.69 9.86
CA ASN A 283 3.02 -8.11 9.51
C ASN A 283 2.08 -8.89 10.43
N LYS A 284 2.01 -8.53 11.70
CA LYS A 284 1.18 -9.28 12.62
C LYS A 284 -0.29 -8.92 12.49
N TYR A 285 -0.61 -7.64 12.25
CA TYR A 285 -1.98 -7.18 12.36
C TYR A 285 -2.68 -6.83 11.05
N ILE A 286 -1.95 -6.59 9.96
CA ILE A 286 -2.56 -6.04 8.75
C ILE A 286 -2.25 -6.91 7.53
N PHE A 287 -0.96 -7.12 7.24
CA PHE A 287 -0.53 -7.75 5.99
C PHE A 287 0.49 -8.85 6.31
N PRO A 288 0.02 -10.04 6.66
CA PRO A 288 0.95 -11.11 7.04
C PRO A 288 1.88 -11.57 5.93
N ASN A 289 1.51 -11.42 4.66
CA ASN A 289 2.38 -11.82 3.57
C ASN A 289 3.10 -10.64 2.94
N GLY A 290 3.00 -9.46 3.54
CA GLY A 290 3.52 -8.26 2.90
C GLY A 290 5.03 -8.17 3.02
N CYS A 291 5.68 -7.84 1.92
CA CYS A 291 7.10 -7.53 1.91
C CYS A 291 7.35 -6.57 0.75
N LEU A 292 8.00 -5.45 1.03
CA LEU A 292 8.06 -4.42 0.01
C LEU A 292 9.25 -4.62 -0.90
N PRO A 293 9.09 -4.44 -2.22
CA PRO A 293 10.23 -4.51 -3.13
C PRO A 293 11.02 -3.22 -3.11
N SER A 294 12.30 -3.34 -3.47
CA SER A 294 13.13 -2.20 -3.82
C SER A 294 13.17 -2.02 -5.34
N VAL A 295 13.62 -0.83 -5.78
CA VAL A 295 13.87 -0.59 -7.21
C VAL A 295 14.81 -1.64 -7.75
N ARG A 296 15.90 -1.90 -7.03
CA ARG A 296 16.88 -2.87 -7.49
C ARG A 296 16.27 -4.25 -7.69
N GLN A 297 15.40 -4.68 -6.78
CA GLN A 297 14.78 -6.00 -6.92
C GLN A 297 13.87 -6.05 -8.15
N ILE A 298 13.03 -5.04 -8.33
CA ILE A 298 12.19 -5.01 -9.51
C ILE A 298 13.04 -4.97 -10.77
N ALA A 299 14.09 -4.14 -10.76
CA ALA A 299 14.96 -4.04 -11.94
C ALA A 299 15.59 -5.39 -12.27
N GLN A 300 16.14 -6.07 -11.27
CA GLN A 300 16.86 -7.31 -11.52
C GLN A 300 15.94 -8.41 -12.01
N SER A 301 14.73 -8.52 -11.43
CA SER A 301 13.81 -9.58 -11.82
C SER A 301 13.15 -9.32 -13.16
N SER A 302 12.91 -8.05 -13.49
CA SER A 302 12.25 -7.73 -14.75
C SER A 302 13.20 -7.65 -15.92
N GLU A 303 14.51 -7.46 -15.66
CA GLU A 303 15.49 -7.20 -16.72
C GLU A 303 15.43 -8.17 -17.88
N PRO A 304 15.46 -9.49 -17.68
CA PRO A 304 15.46 -10.40 -18.85
C PRO A 304 14.17 -10.39 -19.63
N HIS A 305 13.09 -9.86 -19.06
CA HIS A 305 11.79 -9.92 -19.70
C HIS A 305 11.43 -8.63 -20.44
N PHE A 306 11.71 -7.47 -19.85
CA PHE A 306 11.13 -6.23 -20.34
C PHE A 306 12.12 -5.08 -20.32
N VAL A 307 11.92 -4.16 -21.25
CA VAL A 307 12.48 -2.83 -21.17
C VAL A 307 11.67 -2.01 -20.16
N MET A 308 12.37 -1.30 -19.27
CA MET A 308 11.73 -0.38 -18.35
C MET A 308 11.46 0.92 -19.10
N GLU A 309 10.18 1.23 -19.35
CA GLU A 309 9.82 2.38 -20.17
C GLU A 309 9.62 3.65 -19.36
N ASP A 310 9.21 3.53 -18.10
CA ASP A 310 8.89 4.70 -17.28
C ASP A 310 8.72 4.26 -15.86
N TRP A 311 9.19 5.09 -14.92
CA TRP A 311 9.09 4.81 -13.49
C TRP A 311 8.64 6.08 -12.79
N HIS A 312 7.45 6.03 -12.21
CA HIS A 312 6.78 7.15 -11.58
C HIS A 312 6.72 6.89 -10.08
N ASN A 313 7.13 7.85 -9.28
CA ASN A 313 7.07 7.77 -7.82
C ASN A 313 6.16 8.89 -7.33
N PHE A 314 5.00 8.54 -6.78
CA PHE A 314 4.12 9.49 -6.10
C PHE A 314 3.79 9.05 -4.68
N GLY A 315 4.80 8.56 -3.95
CA GLY A 315 4.62 8.14 -2.57
C GLY A 315 4.01 9.20 -1.67
N ALA A 316 4.34 10.47 -1.90
CA ALA A 316 3.79 11.52 -1.05
C ALA A 316 2.28 11.58 -1.16
N ASP A 317 1.72 11.16 -2.28
CA ASP A 317 0.26 11.14 -2.43
C ASP A 317 -0.38 10.07 -1.57
N TYR A 318 0.37 9.05 -1.14
CA TYR A 318 -0.23 8.02 -0.32
C TYR A 318 -0.49 8.55 1.08
N ASP A 319 0.36 9.45 1.56
CA ASP A 319 0.10 10.19 2.79
C ASP A 319 -1.28 10.84 2.72
N THR A 320 -1.53 11.63 1.67
CA THR A 320 -2.83 12.26 1.50
C THR A 320 -3.96 11.23 1.40
N THR A 321 -3.73 10.13 0.67
CA THR A 321 -4.76 9.11 0.56
C THR A 321 -5.09 8.51 1.93
N LEU A 322 -4.06 8.08 2.67
CA LEU A 322 -4.27 7.44 3.97
C LEU A 322 -4.97 8.38 4.96
N MET A 323 -4.61 9.66 4.98
CA MET A 323 -5.29 10.58 5.88
C MET A 323 -6.75 10.77 5.47
N ALA A 324 -7.02 10.77 4.17
CA ALA A 324 -8.40 10.83 3.69
C ALA A 324 -9.20 9.63 4.19
N TRP A 325 -8.64 8.42 4.03
CA TRP A 325 -9.30 7.22 4.57
C TRP A 325 -9.49 7.33 6.08
N TYR A 326 -8.50 7.86 6.79
CA TYR A 326 -8.62 7.96 8.24
C TYR A 326 -9.77 8.86 8.62
N GLU A 327 -9.84 10.05 8.00
CA GLU A 327 -10.97 10.94 8.20
C GLU A 327 -12.29 10.20 7.98
N ARG A 328 -12.43 9.50 6.86
CA ARG A 328 -13.69 8.82 6.56
C ARG A 328 -13.94 7.64 7.48
N PHE A 329 -12.89 6.96 7.92
CA PHE A 329 -13.06 5.91 8.90
C PHE A 329 -13.66 6.47 10.18
N LEU A 330 -13.22 7.66 10.61
CA LEU A 330 -13.70 8.24 11.85
C LEU A 330 -15.16 8.63 11.74
N ALA A 331 -15.52 9.33 10.65
CA ALA A 331 -16.90 9.69 10.42
C ALA A 331 -17.79 8.46 10.42
N ALA A 332 -17.33 7.36 9.82
CA ALA A 332 -18.13 6.16 9.70
C ALA A 332 -18.18 5.33 10.96
N TRP A 333 -17.36 5.65 11.97
CA TRP A 333 -17.22 4.75 13.10
C TRP A 333 -18.53 4.48 13.83
N PRO A 334 -19.40 5.48 14.08
CA PRO A 334 -20.68 5.20 14.73
C PRO A 334 -21.50 4.12 14.05
N GLU A 335 -21.45 4.04 12.71
CA GLU A 335 -22.28 3.07 12.00
C GLU A 335 -21.71 1.66 12.03
N ILE A 336 -20.45 1.47 12.38
CA ILE A 336 -19.85 0.14 12.33
C ILE A 336 -19.33 -0.31 13.68
N ALA A 337 -19.33 0.58 14.68
CA ALA A 337 -18.72 0.25 15.97
C ALA A 337 -19.15 -1.12 16.49
N ASP A 338 -20.41 -1.50 16.29
CA ASP A 338 -20.93 -2.74 16.87
C ASP A 338 -20.29 -3.97 16.25
N ASN A 339 -19.90 -3.90 14.99
CA ASN A 339 -19.27 -5.03 14.33
C ASN A 339 -17.77 -5.14 14.61
N TYR A 340 -17.20 -4.14 15.29
CA TYR A 340 -15.79 -4.12 15.64
C TYR A 340 -15.66 -3.81 17.13
N SER A 341 -14.43 -3.61 17.60
CA SER A 341 -14.17 -3.30 19.01
C SER A 341 -13.37 -2.01 19.09
N GLU A 342 -13.26 -1.48 20.31
CA GLU A 342 -12.42 -0.31 20.53
C GLU A 342 -10.95 -0.64 20.29
N ARG A 343 -10.52 -1.85 20.65
CA ARG A 343 -9.16 -2.24 20.35
C ARG A 343 -8.92 -2.25 18.85
N PHE A 344 -9.92 -2.72 18.07
CA PHE A 344 -9.80 -2.66 16.62
C PHE A 344 -9.64 -1.22 16.16
N LYS A 345 -10.41 -0.31 16.75
CA LYS A 345 -10.34 1.08 16.32
C LYS A 345 -8.95 1.63 16.54
N ARG A 346 -8.35 1.32 17.69
CA ARG A 346 -7.01 1.80 18.00
C ARG A 346 -5.99 1.21 17.03
N MET A 347 -6.08 -0.10 16.79
CA MET A 347 -5.23 -0.76 15.82
C MET A 347 -5.33 -0.11 14.45
N PHE A 348 -6.56 0.11 13.97
CA PHE A 348 -6.78 0.62 12.63
C PHE A 348 -6.33 2.07 12.52
N THR A 349 -6.52 2.84 13.60
CA THR A 349 -6.03 4.22 13.67
C THR A 349 -4.51 4.27 13.59
N TYR A 350 -3.84 3.39 14.36
CA TYR A 350 -2.39 3.32 14.33
C TYR A 350 -1.88 2.94 12.95
N TYR A 351 -2.50 1.94 12.34
CA TYR A 351 -2.11 1.50 11.00
C TYR A 351 -2.17 2.64 10.00
N LEU A 352 -3.32 3.31 9.92
CA LEU A 352 -3.49 4.34 8.90
C LEU A 352 -2.53 5.50 9.12
N ASN A 353 -2.35 5.93 10.37
CA ASN A 353 -1.55 7.11 10.67
C ASN A 353 -0.05 6.82 10.60
N ALA A 354 0.39 5.64 11.04
CA ALA A 354 1.81 5.31 10.96
C ALA A 354 2.24 5.19 9.51
N CYS A 355 1.44 4.50 8.69
CA CYS A 355 1.71 4.42 7.28
C CYS A 355 1.72 5.81 6.63
N ALA A 356 0.76 6.65 6.98
CA ALA A 356 0.75 8.00 6.43
C ALA A 356 2.05 8.73 6.77
N GLY A 357 2.51 8.58 8.01
CA GLY A 357 3.75 9.23 8.41
C GLY A 357 4.95 8.67 7.69
N ALA A 358 4.96 7.35 7.46
CA ALA A 358 6.07 6.74 6.73
C ALA A 358 6.13 7.24 5.30
N PHE A 359 4.97 7.51 4.68
CA PHE A 359 4.99 8.06 3.33
C PHE A 359 5.38 9.54 3.35
N ARG A 360 4.91 10.28 4.35
CA ARG A 360 5.24 11.70 4.46
C ARG A 360 6.74 11.89 4.66
N ALA A 361 7.36 11.03 5.47
CA ALA A 361 8.80 11.04 5.70
C ALA A 361 9.58 10.55 4.48
N ARG A 362 8.89 10.07 3.44
CA ARG A 362 9.55 9.54 2.24
C ARG A 362 10.36 8.28 2.54
N ASP A 363 9.97 7.56 3.58
CA ASP A 363 10.60 6.30 3.95
C ASP A 363 10.16 5.18 3.00
N ILE A 364 8.89 5.13 2.66
CA ILE A 364 8.35 4.17 1.70
C ILE A 364 7.76 4.94 0.54
N GLN A 365 7.67 4.28 -0.60
CA GLN A 365 7.41 4.89 -1.89
C GLN A 365 6.16 4.28 -2.52
N LEU A 366 5.64 4.95 -3.55
CA LEU A 366 4.57 4.38 -4.37
C LEU A 366 4.96 4.50 -5.83
N TRP A 367 5.12 3.35 -6.49
CA TRP A 367 5.64 3.33 -7.85
C TRP A 367 4.58 2.86 -8.83
N GLN A 368 4.58 3.47 -10.01
CA GLN A 368 3.96 2.90 -11.19
C GLN A 368 5.05 2.75 -12.24
N VAL A 369 5.31 1.50 -12.66
CA VAL A 369 6.35 1.19 -13.62
C VAL A 369 5.69 0.66 -14.88
N VAL A 370 6.04 1.24 -16.02
CA VAL A 370 5.55 0.79 -17.33
C VAL A 370 6.65 -0.03 -17.99
N PHE A 371 6.27 -1.20 -18.49
CA PHE A 371 7.19 -2.11 -19.12
C PHE A 371 6.66 -2.49 -20.50
N SER A 372 7.59 -2.71 -21.42
CA SER A 372 7.27 -3.33 -22.70
C SER A 372 8.48 -4.18 -23.09
N ARG A 373 8.40 -4.81 -24.25
CA ARG A 373 9.57 -5.47 -24.81
C ARG A 373 10.39 -4.57 -25.71
N GLY A 374 10.15 -3.25 -25.68
CA GLY A 374 10.80 -2.34 -26.59
C GLY A 374 9.96 -1.94 -27.77
N VAL A 375 8.81 -1.32 -27.50
CA VAL A 375 7.91 -0.94 -28.58
C VAL A 375 8.58 0.11 -29.47
N GLU A 376 8.47 -0.09 -30.77
CA GLU A 376 8.96 0.87 -31.75
C GLU A 376 8.36 2.24 -31.50
N ASN A 377 9.22 3.27 -31.62
CA ASN A 377 8.93 4.67 -31.37
C ASN A 377 8.72 5.00 -29.90
N GLY A 378 8.88 4.05 -28.98
CA GLY A 378 8.84 4.41 -27.57
C GLY A 378 7.46 4.80 -27.07
N LEU A 379 7.42 5.23 -25.80
CA LEU A 379 6.19 5.64 -25.15
C LEU A 379 6.39 6.98 -24.47
N ARG A 380 5.46 7.92 -24.72
CA ARG A 380 5.34 9.15 -23.94
C ARG A 380 4.33 8.84 -22.84
N VAL A 381 4.83 8.41 -21.70
CA VAL A 381 3.96 7.89 -20.66
C VAL A 381 3.28 9.03 -19.94
N ALA A 382 1.95 8.95 -19.85
CA ALA A 382 1.13 10.00 -19.30
C ALA A 382 1.46 10.29 -17.84
N ARG A 383 1.23 11.54 -17.45
CA ARG A 383 1.18 11.94 -16.06
C ARG A 383 -0.22 12.52 -15.74
C CO3 B . -1.38 0.45 -3.37
O1 CO3 B . -0.77 -0.39 -4.02
O2 CO3 B . -1.51 0.31 -2.17
O3 CO3 B . -1.56 1.55 -3.82
O1 LOP C . 10.96 0.48 6.14
P1 LOP C . 10.37 -0.80 5.33
O2 LOP C . 8.77 -0.61 5.55
O3 LOP C . 10.83 -2.07 6.01
O4 LOP C . 10.73 -0.58 3.88
C3 LOP C . 7.92 -1.61 6.12
C4 LOP C . 6.53 -1.04 6.46
C5 LOP C . 6.67 0.33 7.16
O5 LOP C . 5.72 -0.94 5.27
O6 LOP C . 5.81 0.31 8.30
C6 LOP C . 4.35 -0.48 5.46
O7 LOP C . 4.08 0.41 6.27
C7 LOP C . 3.25 -1.08 4.61
C8 LOP C . 2.63 -0.07 3.64
C9 LOP C . 1.27 0.47 4.07
C10 LOP C . 0.27 0.56 2.92
C11 LOP C . -1.14 0.84 3.42
C12 LOP C . -2.25 0.67 2.38
C13 LOP C . -2.10 -0.62 1.60
C14 LOP C . -3.43 -1.15 1.12
C15 LOP C . -3.59 -1.86 0.00
C16 LOP C . -2.47 -2.20 -0.97
C17 LOP C . -1.82 -3.54 -0.62
C18 LOP C . -0.37 -3.29 -0.18
C19 LOP C . 0.18 -4.41 0.70
C20 LOP C . 1.21 -3.85 1.68
C21 LOP C . 2.13 -4.90 2.29
C22 LOP C . 3.13 -4.18 3.18
C23 LOP C . 4.32 -5.01 3.60
C24 LOP C . 5.40 1.49 9.05
O8 LOP C . 5.04 2.49 8.46
C25 LOP C . 5.42 1.45 10.56
C26 LOP C . 6.26 2.57 11.16
C27 LOP C . 7.62 2.08 11.70
C28 LOP C . 7.65 1.97 13.22
C29 LOP C . 9.05 2.10 13.83
C30 LOP C . 8.98 2.51 15.30
C31 LOP C . 10.08 1.95 16.21
C32 LOP C . 11.14 2.99 16.57
C33 LOP C . 10.71 4.01 17.61
C34 LOP C . 11.69 4.08 18.78
C35 LOP C . 11.36 5.21 19.74
H31 LOP C . 8.38 -2.01 7.03
H32 LOP C . 7.80 -2.44 5.42
H4 LOP C . 6.05 -1.72 7.17
H51 LOP C . 6.38 1.13 6.48
H52 LOP C . 7.70 0.49 7.47
H71 LOP C . 2.47 -1.48 5.25
H72 LOP C . 3.66 -1.92 4.04
H81 LOP C . 2.53 -0.55 2.66
H82 LOP C . 3.31 0.77 3.53
H91 LOP C . 1.40 1.45 4.51
H92 LOP C . 0.85 -0.19 4.85
H101 LOP C . 0.58 1.35 2.24
H102 LOP C . 0.27 -0.38 2.37
H111 LOP C . -1.36 0.19 4.26
H112 LOP C . -1.18 1.87 3.81
H121 LOP C . -2.21 1.51 1.68
H122 LOP C . -3.22 0.69 2.87
H131 LOP C . -1.63 -1.38 2.25
H132 LOP C . -1.45 -0.47 0.74
H14 LOP C . -4.30 -0.97 1.74
H15 LOP C . -4.59 -2.19 -0.25
H161 LOP C . -2.88 -2.26 -1.98
H162 LOP C . -1.72 -1.42 -0.94
H171 LOP C . -1.83 -4.20 -1.50
H172 LOP C . -2.38 -4.03 0.18
H181 LOP C . -0.33 -2.34 0.38
H182 LOP C . 0.26 -3.18 -1.07
H191 LOP C . 0.66 -5.16 0.07
H192 LOP C . -0.62 -4.88 1.25
H201 LOP C . 0.68 -3.33 2.49
H202 LOP C . 1.82 -3.10 1.17
H211 LOP C . 2.65 -5.44 1.49
H212 LOP C . 1.54 -5.62 2.87
H221 LOP C . 2.61 -3.84 4.08
H222 LOP C . 3.49 -3.30 2.66
H231 LOP C . 4.00 -5.85 4.14
H232 LOP C . 4.96 -4.42 4.22
H233 LOP C . 4.86 -5.32 2.75
H251 LOP C . 5.82 0.49 10.88
H252 LOP C . 4.40 1.53 10.93
H261 LOP C . 5.71 3.04 11.96
H262 LOP C . 6.45 3.33 10.40
H271 LOP C . 8.40 2.78 11.38
H272 LOP C . 7.85 1.10 11.27
H281 LOP C . 7.23 1.01 13.51
H282 LOP C . 7.00 2.75 13.65
H291 LOP C . 9.61 2.84 13.26
H292 LOP C . 9.57 1.15 13.74
H311 LOP C . 10.56 1.10 15.71
H312 LOP C . 9.63 1.58 17.13
H321 LOP C . 12.03 2.46 16.94
H322 LOP C . 11.44 3.52 15.66
H331 LOP C . 9.71 3.74 17.98
H332 LOP C . 10.62 4.99 17.14
H341 LOP C . 12.69 4.22 18.39
H342 LOP C . 11.66 3.12 19.32
H351 LOP C . 12.06 5.21 20.53
H352 LOP C . 10.39 5.06 20.14
H353 LOP C . 11.40 6.13 19.22
C1 GOL D . -5.62 9.43 18.04
O1 GOL D . -6.75 10.00 18.64
C2 GOL D . -5.48 10.05 16.62
O2 GOL D . -5.96 11.35 16.54
C3 GOL D . -3.96 9.98 16.32
O3 GOL D . -3.79 10.45 15.01
H11 GOL D . -5.68 8.47 17.96
H12 GOL D . -4.82 9.61 18.55
HO1 GOL D . -6.89 9.55 19.34
H2 GOL D . -5.99 9.53 15.97
HO2 GOL D . -5.59 11.81 17.16
H31 GOL D . -3.65 9.07 16.44
H32 GOL D . -3.48 10.52 16.96
HO3 GOL D . -4.10 11.24 14.99
C1 GOL E . 0.34 11.95 31.53
O1 GOL E . -0.80 11.79 30.72
C2 GOL E . -0.02 11.43 32.96
O2 GOL E . -0.61 10.16 32.94
C3 GOL E . 1.33 11.43 33.74
O3 GOL E . 1.09 10.79 34.96
H11 GOL E . 0.63 12.87 31.58
H12 GOL E . 1.09 11.44 31.18
HO1 GOL E . -0.63 12.18 30.00
H2 GOL E . -0.67 12.01 33.39
HO2 GOL E . -0.09 9.63 32.53
H31 GOL E . 1.64 12.34 33.84
H32 GOL E . 2.00 10.98 33.21
HO3 GOL E . 1.85 10.67 35.32
C1 GOL F . 18.24 7.90 1.04
O1 GOL F . 17.88 8.79 2.03
C2 GOL F . 18.71 6.62 1.75
O2 GOL F . 18.14 6.47 3.00
C3 GOL F . 18.31 5.47 0.78
O3 GOL F . 18.60 4.25 1.43
H11 GOL F . 18.95 8.23 0.47
H12 GOL F . 17.50 7.69 0.46
HO1 GOL F . 17.36 9.36 1.66
H2 GOL F . 19.67 6.63 1.89
HO2 GOL F . 17.31 6.38 2.90
H31 GOL F . 18.78 5.59 -0.06
H32 GOL F . 17.37 5.56 0.56
HO3 GOL F . 18.02 3.69 1.15
C1 GOL G . 18.60 -9.60 -3.26
O1 GOL G . 18.42 -8.96 -4.50
C2 GOL G . 17.30 -9.34 -2.42
O2 GOL G . 16.20 -9.94 -2.99
C3 GOL G . 17.63 -9.86 -0.96
O3 GOL G . 17.00 -8.99 -0.04
H11 GOL G . 19.38 -9.28 -2.78
H12 GOL G . 18.73 -10.55 -3.37
HO1 GOL G . 19.15 -9.06 -4.93
H2 GOL G . 17.11 -8.39 -2.40
HO2 GOL G . 16.37 -10.78 -3.08
H31 GOL G . 18.59 -9.92 -0.85
H32 GOL G . 17.31 -10.77 -0.86
HO3 GOL G . 16.83 -9.45 0.65
C1 GOL H . 4.88 16.78 10.37
O1 GOL H . 3.77 16.27 9.69
C2 GOL H . 6.17 16.28 9.63
O2 GOL H . 6.16 16.60 8.27
C3 GOL H . 7.37 16.94 10.35
O3 GOL H . 8.44 16.05 10.20
H11 GOL H . 4.92 16.48 11.31
H12 GOL H . 4.87 17.74 10.40
HO1 GOL H . 3.17 16.86 9.73
H2 GOL H . 6.23 15.31 9.67
HO2 GOL H . 6.30 17.43 8.20
H31 GOL H . 7.13 17.11 11.29
H32 GOL H . 7.55 17.81 9.98
HO3 GOL H . 9.15 16.48 10.34
C1 GOL I . 0.97 17.87 7.41
O1 GOL I . 1.76 18.18 8.55
C2 GOL I . -0.40 17.31 7.94
O2 GOL I . -1.13 18.25 8.67
C3 GOL I . -1.17 16.87 6.67
O3 GOL I . -2.31 16.15 7.08
H11 GOL I . 0.81 18.65 6.85
H12 GOL I . 1.41 17.21 6.86
HO1 GOL I . 2.47 18.55 8.26
H2 GOL I . -0.27 16.56 8.54
HO2 GOL I . -1.29 18.92 8.16
H31 GOL I . -1.37 17.64 6.12
H32 GOL I . -0.58 16.32 6.11
HO3 GOL I . -2.69 15.85 6.38
C1 GOL J . -20.59 0.48 -4.51
O1 GOL J . -20.05 1.63 -5.13
C2 GOL J . -19.53 -0.02 -3.48
O2 GOL J . -19.07 1.03 -2.69
C3 GOL J . -20.23 -1.14 -2.65
O3 GOL J . -19.22 -1.97 -2.10
H11 GOL J . -21.44 0.65 -4.06
H12 GOL J . -20.78 -0.22 -5.16
HO1 GOL J . -20.71 2.13 -5.32
H2 GOL J . -18.75 -0.37 -3.94
HO2 GOL J . -19.69 1.24 -2.15
H31 GOL J . -20.81 -0.74 -1.99
H32 GOL J . -20.83 -1.66 -3.23
HO3 GOL J . -18.55 -1.46 -1.93
#